data_3KT7
#
_entry.id   3KT7
#
_cell.length_a   136.293
_cell.length_b   136.293
_cell.length_c   79.832
_cell.angle_alpha   90.000
_cell.angle_beta   90.000
_cell.angle_gamma   120.000
#
_symmetry.space_group_name_H-M   'P 3 2 1'
#
loop_
_entity.id
_entity.type
_entity.pdbx_description
1 polymer 'PKHD-type hydroxylase TPA1'
2 non-polymer 'FE (III) ION'
3 non-polymer '2-OXOGLUTARIC ACID'
4 non-polymer 'SULFATE ION'
5 non-polymer GLYCEROL
6 water water
#
_entity_poly.entity_id   1
_entity_poly.type   'polypeptide(L)'
_entity_poly.pdbx_seq_one_letter_code
;MLEEDKIKGMFNPKIWDKTFQDGLKKEIEDSQPYNWGTIHELVNDDLLRAVRKEIETEIHFTKKETDIYRVNQSGDLANL
SGLDWDDLSRLPNLFKLRQILYSKQYRDFFGYVTKAGKLSGSKTDMSINTYTKGCHLLTHDDVIGSRRISFILYLPDPDR
KWKSHYGGGLRLFPSILPNVPHSDPSAKLVPQFNQIAFFKVLPGFSFHD(LVN)EEVKVDKHRLSIQGWYHIPQVGEEGY
IPGEEEAWVRNNTSTLAQIESNVLEDFEFPKDERNILSFHEVKHFEKMLKGDAGAKTDNTPKESMTSVISDSVKLSEAEF
TYLSQYISPEHLSSKGIEKLQKQFVENSSLQIESFLNDDKSELLKKVIKQKELEQECPYHSKDVKAPWKTAIPPHKARYL
YIDGKEYRNFQTEADILEALNNNDLPNFQFTKDAIKIISDASGNSRENNFDAELALIDLAVFHKSTIFKKYLALLTSLCP
VSEQILIRRFRPGMDFTLATKCRFNELLKSNPDIIDAVLEGTLCLTPSAGWESGELGGYELYMMDDDEDNKQYLKEDVED
ASVYRADDSGDSVLINDPPAWNTFNLVLRDESVLEFVKYVSWSAKSSRWDVKMKWDVKSCDEDGQEDEALEHHHHHH
;
_entity_poly.pdbx_strand_id   A
#
loop_
_chem_comp.id
_chem_comp.type
_chem_comp.name
_chem_comp.formula
AKG non-polymer '2-OXOGLUTARIC ACID' 'C5 H6 O5'
FE non-polymer 'FE (III) ION' 'Fe 3'
GOL non-polymer GLYCEROL 'C3 H8 O3'
SO4 non-polymer 'SULFATE ION' 'O4 S -2'
#
# COMPACT_ATOMS: atom_id res chain seq x y z
N ASP A 5 6.90 36.06 31.07
CA ASP A 5 7.09 35.46 29.71
C ASP A 5 5.76 34.92 29.16
N LYS A 6 5.21 35.66 28.21
CA LYS A 6 3.92 35.32 27.58
C LYS A 6 3.98 34.05 26.71
N ILE A 7 5.16 33.74 26.19
CA ILE A 7 5.37 32.51 25.42
C ILE A 7 5.47 31.29 26.35
N LYS A 8 6.38 31.35 27.33
CA LYS A 8 6.58 30.24 28.28
C LYS A 8 5.28 29.86 28.99
N GLY A 9 4.50 30.88 29.35
CA GLY A 9 3.25 30.71 30.09
C GLY A 9 2.13 30.06 29.31
N MET A 10 2.29 29.93 27.99
CA MET A 10 1.30 29.29 27.14
C MET A 10 1.57 27.79 26.96
N PHE A 11 2.63 27.31 27.61
CA PHE A 11 2.94 25.88 27.66
C PHE A 11 2.78 25.35 29.06
N ASN A 12 2.64 24.02 29.17
CA ASN A 12 2.71 23.31 30.45
C ASN A 12 4.01 23.72 31.15
N PRO A 13 3.92 24.22 32.41
CA PRO A 13 5.14 24.67 33.10
C PRO A 13 6.21 23.60 33.27
N LYS A 14 5.81 22.33 33.22
CA LYS A 14 6.75 21.23 33.35
C LYS A 14 7.83 21.24 32.27
N ILE A 15 7.53 21.74 31.07
CA ILE A 15 8.51 21.64 29.99
C ILE A 15 9.72 22.54 30.19
N TRP A 16 9.61 23.53 31.08
CA TRP A 16 10.72 24.45 31.37
C TRP A 16 11.60 23.97 32.52
N ASP A 17 11.21 22.86 33.13
CA ASP A 17 11.89 22.28 34.28
C ASP A 17 13.06 21.41 33.81
N LYS A 18 14.26 21.67 34.32
CA LYS A 18 15.46 20.94 33.87
C LYS A 18 15.37 19.43 34.09
N THR A 19 14.86 19.04 35.26
CA THR A 19 14.69 17.63 35.58
C THR A 19 13.73 16.94 34.59
N PHE A 20 12.63 17.61 34.27
CA PHE A 20 11.70 17.08 33.26
C PHE A 20 12.38 16.92 31.90
N GLN A 21 13.11 17.96 31.51
CA GLN A 21 13.78 17.98 30.21
C GLN A 21 14.77 16.83 30.08
N ASP A 22 15.58 16.62 31.13
CA ASP A 22 16.56 15.55 31.10
C ASP A 22 15.89 14.18 31.06
N GLY A 23 14.78 14.06 31.77
CA GLY A 23 14.00 12.82 31.81
C GLY A 23 13.45 12.49 30.43
N LEU A 24 12.94 13.51 29.76
CA LEU A 24 12.40 13.36 28.41
C LEU A 24 13.50 13.02 27.39
N LYS A 25 14.64 13.71 27.49
CA LYS A 25 15.78 13.40 26.62
C LYS A 25 16.15 11.92 26.74
N LYS A 26 16.15 11.40 27.97
CA LYS A 26 16.47 10.00 28.21
C LYS A 26 15.41 9.06 27.62
N GLU A 27 14.14 9.41 27.79
CA GLU A 27 13.04 8.62 27.21
C GLU A 27 13.25 8.47 25.70
N ILE A 28 13.57 9.58 25.06
CA ILE A 28 13.75 9.63 23.61
C ILE A 28 14.97 8.78 23.21
N GLU A 29 16.07 8.92 23.95
CA GLU A 29 17.27 8.10 23.71
C GLU A 29 16.99 6.60 23.80
N ASP A 30 16.13 6.22 24.74
CA ASP A 30 15.86 4.81 25.06
C ASP A 30 14.70 4.21 24.26
N SER A 31 14.07 5.02 23.41
CA SER A 31 12.86 4.61 22.69
C SER A 31 13.16 3.67 21.52
N GLN A 32 12.13 2.99 21.03
CA GLN A 32 12.24 2.11 19.86
C GLN A 32 11.02 2.32 18.98
N PRO A 33 11.12 1.96 17.68
CA PRO A 33 12.23 1.34 16.95
C PRO A 33 13.29 2.31 16.44
N TYR A 34 12.99 3.61 16.47
CA TYR A 34 13.96 4.67 16.27
C TYR A 34 13.57 5.77 17.23
N ASN A 35 14.47 6.71 17.49
CA ASN A 35 14.25 7.68 18.57
C ASN A 35 13.02 8.55 18.34
N TRP A 36 12.09 8.51 19.29
CA TRP A 36 10.88 9.33 19.24
C TRP A 36 10.42 9.72 20.63
N GLY A 37 9.59 10.75 20.70
CA GLY A 37 9.07 11.22 21.97
C GLY A 37 7.61 11.64 21.95
N THR A 38 7.05 11.76 23.15
CA THR A 38 5.72 12.31 23.29
C THR A 38 5.62 13.13 24.58
N ILE A 39 4.84 14.20 24.52
CA ILE A 39 4.52 15.00 25.70
C ILE A 39 3.01 15.11 25.79
N HIS A 40 2.49 14.82 26.99
N HIS A 40 2.47 14.80 26.97
CA HIS A 40 1.08 14.97 27.30
CA HIS A 40 1.04 14.98 27.20
C HIS A 40 0.80 16.37 27.83
C HIS A 40 0.75 16.32 27.87
N GLU A 41 -0.42 16.86 27.57
CA GLU A 41 -0.88 18.17 28.06
C GLU A 41 0.11 19.30 27.75
N LEU A 42 0.53 19.38 26.50
CA LEU A 42 1.64 20.26 26.10
C LEU A 42 1.36 21.76 26.26
N VAL A 43 0.21 22.18 25.73
CA VAL A 43 -0.13 23.60 25.58
C VAL A 43 -1.15 24.01 26.64
N ASN A 44 -1.21 25.31 26.91
CA ASN A 44 -2.28 25.88 27.73
C ASN A 44 -3.62 25.32 27.25
N ASP A 45 -4.38 24.72 28.17
CA ASP A 45 -5.61 24.03 27.78
C ASP A 45 -6.65 24.94 27.14
N ASP A 46 -6.84 26.14 27.69
CA ASP A 46 -7.77 27.12 27.13
C ASP A 46 -7.39 27.51 25.71
N LEU A 47 -6.10 27.72 25.47
CA LEU A 47 -5.61 28.09 24.15
C LEU A 47 -5.93 26.98 23.15
N LEU A 48 -5.58 25.75 23.49
CA LEU A 48 -5.77 24.65 22.54
C LEU A 48 -7.24 24.37 22.28
N ARG A 49 -8.08 24.51 23.31
CA ARG A 49 -9.53 24.41 23.12
C ARG A 49 -10.04 25.48 22.15
N ALA A 50 -9.51 26.69 22.26
CA ALA A 50 -9.90 27.81 21.41
C ALA A 50 -9.45 27.59 19.97
N VAL A 51 -8.26 26.99 19.80
CA VAL A 51 -7.76 26.64 18.48
C VAL A 51 -8.69 25.60 17.82
N ARG A 52 -9.08 24.58 18.57
CA ARG A 52 -9.98 23.56 18.05
C ARG A 52 -11.28 24.20 17.57
N LYS A 53 -11.82 25.11 18.38
CA LYS A 53 -13.07 25.80 18.02
C LYS A 53 -12.93 26.66 16.76
N GLU A 54 -11.80 27.36 16.63
CA GLU A 54 -11.53 28.14 15.43
C GLU A 54 -11.49 27.25 14.20
N ILE A 55 -10.81 26.11 14.33
CA ILE A 55 -10.70 25.18 13.21
C ILE A 55 -12.08 24.70 12.79
N GLU A 56 -12.91 24.33 13.75
CA GLU A 56 -14.26 23.84 13.46
C GLU A 56 -15.14 24.88 12.76
N THR A 57 -14.99 26.13 13.15
CA THR A 57 -15.82 27.21 12.63
C THR A 57 -15.29 27.80 11.31
N GLU A 58 -13.98 27.82 11.13
CA GLU A 58 -13.36 28.59 10.06
C GLU A 58 -12.72 27.80 8.91
N ILE A 59 -12.49 26.52 9.12
CA ILE A 59 -11.84 25.68 8.10
C ILE A 59 -12.79 24.60 7.60
N HIS A 60 -12.89 24.49 6.28
CA HIS A 60 -13.64 23.41 5.64
C HIS A 60 -12.66 22.41 5.06
N PHE A 61 -12.81 21.14 5.44
CA PHE A 61 -11.90 20.09 4.98
C PHE A 61 -12.45 19.36 3.76
N THR A 62 -11.56 18.90 2.90
CA THR A 62 -11.92 18.19 1.69
C THR A 62 -11.20 16.85 1.64
N LYS A 63 -11.97 15.77 1.47
CA LYS A 63 -11.40 14.44 1.32
C LYS A 63 -10.49 14.38 0.08
N LYS A 64 -9.27 13.88 0.28
CA LYS A 64 -8.37 13.60 -0.83
C LYS A 64 -7.86 12.17 -0.70
N GLU A 65 -7.98 11.42 -1.79
CA GLU A 65 -7.48 10.06 -1.81
C GLU A 65 -6.45 9.87 -2.91
N THR A 66 -5.35 9.22 -2.56
CA THR A 66 -4.30 8.82 -3.50
C THR A 66 -4.00 7.35 -3.23
N ASP A 67 -3.00 6.79 -3.91
CA ASP A 67 -2.59 5.43 -3.59
C ASP A 67 -2.13 5.28 -2.13
N ILE A 68 -1.44 6.30 -1.62
N ILE A 68 -1.44 6.29 -1.61
CA ILE A 68 -0.78 6.25 -0.32
CA ILE A 68 -0.81 6.16 -0.30
C ILE A 68 -1.69 6.63 0.85
C ILE A 68 -1.64 6.70 0.88
N TYR A 69 -2.72 7.43 0.59
CA TYR A 69 -3.56 7.94 1.67
C TYR A 69 -5.01 8.23 1.33
N ARG A 70 -5.82 8.41 2.38
CA ARG A 70 -7.07 9.15 2.30
C ARG A 70 -7.13 10.01 3.55
N VAL A 71 -7.17 11.33 3.36
N VAL A 71 -7.19 11.31 3.36
CA VAL A 71 -7.11 12.31 4.46
CA VAL A 71 -7.24 12.26 4.47
C VAL A 71 -7.95 13.53 4.11
C VAL A 71 -8.13 13.42 4.07
N ASN A 72 -8.70 14.07 5.07
CA ASN A 72 -9.48 15.30 4.85
C ASN A 72 -8.55 16.47 5.07
N GLN A 73 -8.23 17.17 3.98
CA GLN A 73 -7.17 18.16 3.96
C GLN A 73 -7.70 19.57 3.92
N SER A 74 -6.83 20.53 4.23
CA SER A 74 -7.18 21.95 4.18
C SER A 74 -6.12 22.79 3.47
N GLY A 75 -5.18 22.14 2.80
CA GLY A 75 -4.05 22.83 2.19
C GLY A 75 -4.15 23.18 0.71
N ASP A 76 -5.37 23.40 0.21
CA ASP A 76 -5.53 23.76 -1.22
C ASP A 76 -4.86 25.09 -1.54
N LEU A 77 -4.22 25.15 -2.71
CA LEU A 77 -3.42 26.31 -3.13
C LEU A 77 -4.17 27.65 -3.05
N ALA A 78 -5.44 27.64 -3.45
CA ALA A 78 -6.27 28.86 -3.48
C ALA A 78 -6.83 29.26 -2.10
N ASN A 79 -6.54 28.45 -1.08
CA ASN A 79 -7.00 28.70 0.29
C ASN A 79 -8.53 28.73 0.45
N LEU A 80 -9.23 27.97 -0.40
CA LEU A 80 -10.68 27.87 -0.36
C LEU A 80 -11.20 27.17 0.91
N SER A 81 -10.30 26.46 1.58
CA SER A 81 -10.60 25.81 2.86
C SER A 81 -10.81 26.82 3.99
N GLY A 82 -10.30 28.04 3.80
CA GLY A 82 -10.34 29.05 4.86
C GLY A 82 -9.01 29.15 5.59
N LEU A 83 -8.11 28.21 5.34
CA LEU A 83 -6.77 28.24 5.96
C LEU A 83 -5.76 28.89 5.03
N ASP A 84 -5.24 30.04 5.45
CA ASP A 84 -4.22 30.75 4.71
C ASP A 84 -3.14 31.11 5.73
N TRP A 85 -1.99 30.44 5.61
CA TRP A 85 -0.92 30.63 6.61
C TRP A 85 -0.32 32.04 6.54
N ASP A 86 -0.59 32.75 5.44
CA ASP A 86 -0.14 34.14 5.29
C ASP A 86 -1.15 35.13 5.86
N ASP A 87 -2.35 34.66 6.20
CA ASP A 87 -3.40 35.53 6.72
C ASP A 87 -4.33 34.76 7.66
N LEU A 88 -3.97 34.72 8.93
CA LEU A 88 -4.78 34.01 9.93
C LEU A 88 -5.75 34.94 10.67
N SER A 89 -6.27 35.95 9.95
CA SER A 89 -7.20 36.93 10.52
C SER A 89 -8.35 36.30 11.30
N ARG A 90 -8.94 35.24 10.75
CA ARG A 90 -10.08 34.60 11.39
C ARG A 90 -9.67 33.50 12.38
N LEU A 91 -8.36 33.26 12.49
CA LEU A 91 -7.85 32.23 13.41
C LEU A 91 -6.71 32.76 14.31
N PRO A 92 -7.00 33.81 15.10
CA PRO A 92 -5.95 34.43 15.94
C PRO A 92 -5.34 33.49 16.98
N ASN A 93 -6.11 32.53 17.49
CA ASN A 93 -5.55 31.57 18.44
C ASN A 93 -4.59 30.59 17.76
N LEU A 94 -4.93 30.18 16.53
CA LEU A 94 -4.00 29.37 15.73
C LEU A 94 -2.72 30.15 15.45
N PHE A 95 -2.85 31.44 15.16
CA PHE A 95 -1.67 32.29 15.02
C PHE A 95 -0.77 32.20 16.26
N LYS A 96 -1.38 32.34 17.43
CA LYS A 96 -0.65 32.28 18.69
C LYS A 96 0.01 30.92 18.88
N LEU A 97 -0.71 29.85 18.53
CA LEU A 97 -0.15 28.50 18.61
C LEU A 97 1.09 28.31 17.75
N ARG A 98 1.03 28.73 16.49
CA ARG A 98 2.20 28.64 15.61
C ARG A 98 3.37 29.45 16.18
N GLN A 99 3.05 30.65 16.67
CA GLN A 99 4.07 31.54 17.23
C GLN A 99 4.81 30.87 18.39
N ILE A 100 4.06 30.27 19.31
CA ILE A 100 4.71 29.67 20.48
C ILE A 100 5.50 28.41 20.12
N LEU A 101 4.99 27.62 19.16
CA LEU A 101 5.69 26.40 18.76
C LEU A 101 6.99 26.71 18.05
N TYR A 102 7.07 27.84 17.35
CA TYR A 102 8.30 28.19 16.65
C TYR A 102 9.14 29.25 17.37
N SER A 103 8.77 29.54 18.61
CA SER A 103 9.53 30.47 19.46
C SER A 103 10.93 29.93 19.74
N LYS A 104 11.87 30.83 20.00
CA LYS A 104 13.20 30.42 20.43
C LYS A 104 13.15 29.56 21.68
N GLN A 105 12.30 29.95 22.63
CA GLN A 105 12.15 29.22 23.89
C GLN A 105 11.78 27.76 23.67
N TYR A 106 10.77 27.53 22.84
CA TYR A 106 10.33 26.18 22.57
C TYR A 106 11.34 25.41 21.70
N ARG A 107 11.88 26.08 20.68
CA ARG A 107 12.87 25.44 19.81
C ARG A 107 14.11 24.99 20.58
N ASP A 108 14.56 25.79 21.54
CA ASP A 108 15.74 25.44 22.33
C ASP A 108 15.45 24.19 23.17
N PHE A 109 14.26 24.14 23.78
CA PHE A 109 13.81 22.96 24.52
C PHE A 109 13.73 21.72 23.62
N PHE A 110 13.04 21.88 22.49
CA PHE A 110 12.69 20.77 21.60
C PHE A 110 13.95 20.20 20.95
N GLY A 111 14.83 21.08 20.51
CA GLY A 111 16.10 20.67 19.91
C GLY A 111 16.99 19.95 20.90
N TYR A 112 16.93 20.37 22.16
CA TYR A 112 17.70 19.72 23.23
C TYR A 112 17.26 18.28 23.47
N VAL A 113 15.96 18.07 23.72
CA VAL A 113 15.46 16.73 24.06
C VAL A 113 15.57 15.72 22.90
N THR A 114 15.52 16.22 21.67
CA THR A 114 15.63 15.36 20.48
C THR A 114 17.06 15.22 19.95
N LYS A 115 18.00 15.95 20.54
CA LYS A 115 19.39 15.98 20.09
C LYS A 115 19.49 16.35 18.60
N ALA A 116 18.62 17.27 18.19
CA ALA A 116 18.52 17.68 16.79
C ALA A 116 19.30 18.96 16.48
N GLY A 117 19.83 19.62 17.51
CA GLY A 117 20.55 20.87 17.33
C GLY A 117 19.60 22.04 17.08
N LYS A 118 20.05 23.02 16.29
CA LYS A 118 19.28 24.23 16.08
C LYS A 118 18.18 24.03 15.04
N LEU A 119 17.11 24.81 15.19
CA LEU A 119 15.91 24.68 14.36
C LEU A 119 15.47 26.05 13.84
N SER A 120 14.93 26.09 12.63
CA SER A 120 14.43 27.33 12.04
C SER A 120 13.19 27.87 12.75
N GLY A 121 13.24 29.14 13.16
CA GLY A 121 12.07 29.85 13.67
C GLY A 121 11.18 30.42 12.59
N SER A 122 11.76 30.77 11.45
CA SER A 122 11.00 31.44 10.38
C SER A 122 10.37 30.48 9.38
N LYS A 123 11.00 29.33 9.17
CA LYS A 123 10.48 28.37 8.19
C LYS A 123 9.42 27.51 8.86
N THR A 124 8.26 28.12 9.12
CA THR A 124 7.14 27.44 9.74
C THR A 124 6.46 26.57 8.70
N ASP A 125 6.01 25.39 9.11
CA ASP A 125 5.56 24.37 8.17
C ASP A 125 4.57 23.48 8.90
N MET A 126 3.31 23.88 8.87
CA MET A 126 2.24 23.15 9.55
C MET A 126 1.11 22.84 8.59
N SER A 127 0.37 21.78 8.90
CA SER A 127 -0.81 21.41 8.13
C SER A 127 -1.89 20.97 9.09
N ILE A 128 -3.15 21.18 8.72
CA ILE A 128 -4.27 20.82 9.57
C ILE A 128 -5.12 19.80 8.82
N ASN A 129 -5.31 18.64 9.43
CA ASN A 129 -6.00 17.53 8.77
C ASN A 129 -6.97 16.82 9.68
N THR A 130 -8.00 16.21 9.11
CA THR A 130 -8.83 15.30 9.88
C THR A 130 -8.83 13.92 9.24
N TYR A 131 -8.83 12.90 10.08
CA TYR A 131 -8.99 11.53 9.64
C TYR A 131 -10.34 11.09 10.19
N THR A 132 -11.27 10.76 9.31
CA THR A 132 -12.56 10.22 9.69
C THR A 132 -12.56 8.73 9.34
N LYS A 133 -13.68 8.04 9.53
CA LYS A 133 -13.69 6.59 9.27
C LYS A 133 -13.17 6.26 7.88
N GLY A 134 -12.15 5.39 7.84
CA GLY A 134 -11.57 4.93 6.58
C GLY A 134 -10.35 5.70 6.13
N CYS A 135 -10.13 6.86 6.74
CA CYS A 135 -8.93 7.64 6.45
C CYS A 135 -7.70 6.94 7.01
N HIS A 136 -6.58 7.09 6.31
CA HIS A 136 -5.33 6.40 6.62
C HIS A 136 -4.17 7.09 5.93
N LEU A 137 -2.96 6.77 6.35
CA LEU A 137 -1.75 7.21 5.67
C LEU A 137 -0.73 6.08 5.75
N LEU A 138 -0.30 5.57 4.60
CA LEU A 138 0.55 4.39 4.57
C LEU A 138 2.01 4.71 4.86
N THR A 139 2.85 3.68 4.88
CA THR A 139 4.23 3.80 5.38
C THR A 139 5.09 4.76 4.56
N HIS A 140 5.77 5.66 5.27
CA HIS A 140 6.66 6.66 4.65
C HIS A 140 7.64 7.15 5.71
N ASP A 141 8.67 7.92 5.31
CA ASP A 141 9.74 8.31 6.24
C ASP A 141 9.87 9.81 6.55
N ASP A 142 9.05 10.63 5.90
CA ASP A 142 9.04 12.09 6.10
C ASP A 142 10.26 12.81 5.53
N VAL A 143 11.17 12.07 4.87
CA VAL A 143 12.42 12.68 4.41
C VAL A 143 12.17 13.47 3.12
N ILE A 144 11.92 14.77 3.31
CA ILE A 144 11.62 15.70 2.23
C ILE A 144 12.33 17.01 2.55
N GLY A 145 12.96 17.62 1.55
CA GLY A 145 13.57 18.94 1.69
C GLY A 145 14.42 19.14 2.94
N SER A 146 14.20 20.26 3.61
CA SER A 146 15.00 20.63 4.78
C SER A 146 14.38 20.22 6.12
N ARG A 147 13.41 19.30 6.11
CA ARG A 147 12.79 18.86 7.36
C ARG A 147 13.80 18.22 8.32
N ARG A 148 13.75 18.64 9.59
CA ARG A 148 14.67 18.14 10.62
C ARG A 148 13.95 17.35 11.71
N ILE A 149 12.81 17.86 12.17
CA ILE A 149 12.00 17.14 13.16
C ILE A 149 10.55 17.15 12.73
N SER A 150 9.91 15.98 12.84
CA SER A 150 8.48 15.85 12.60
CA SER A 150 8.48 15.85 12.60
C SER A 150 7.73 15.96 13.91
N PHE A 151 6.62 16.69 13.91
CA PHE A 151 5.74 16.70 15.07
C PHE A 151 4.27 16.63 14.68
N ILE A 152 3.46 16.03 15.55
CA ILE A 152 2.02 16.03 15.35
C ILE A 152 1.37 16.34 16.69
N LEU A 153 0.60 17.42 16.71
CA LEU A 153 -0.21 17.79 17.87
C LEU A 153 -1.65 17.37 17.62
N TYR A 154 -2.19 16.58 18.55
CA TYR A 154 -3.52 15.99 18.36
C TYR A 154 -4.60 16.80 19.06
N LEU A 155 -5.72 16.99 18.35
CA LEU A 155 -6.85 17.77 18.87
C LEU A 155 -8.21 17.08 18.69
N PRO A 156 -8.30 15.78 19.02
CA PRO A 156 -9.64 15.18 19.04
C PRO A 156 -10.46 15.78 20.19
N ASP A 157 -11.74 15.43 20.30
CA ASP A 157 -12.60 15.95 21.37
C ASP A 157 -11.89 16.00 22.72
N PRO A 158 -11.72 17.21 23.30
CA PRO A 158 -10.99 17.35 24.56
C PRO A 158 -11.66 16.69 25.76
N ASP A 159 -12.96 16.41 25.64
CA ASP A 159 -13.73 15.90 26.78
C ASP A 159 -14.11 14.42 26.66
N ARG A 160 -13.44 13.73 25.74
CA ARG A 160 -13.62 12.30 25.55
C ARG A 160 -12.25 11.65 25.34
N LYS A 161 -12.10 10.41 25.80
CA LYS A 161 -10.86 9.68 25.59
C LYS A 161 -10.88 9.06 24.20
N TRP A 162 -9.80 9.27 23.44
CA TRP A 162 -9.62 8.54 22.19
C TRP A 162 -9.18 7.13 22.53
N LYS A 163 -9.88 6.14 21.99
CA LYS A 163 -9.67 4.74 22.38
C LYS A 163 -8.88 3.97 21.33
N SER A 164 -8.17 2.93 21.76
N SER A 164 -8.17 2.93 21.77
CA SER A 164 -7.36 2.13 20.83
CA SER A 164 -7.37 2.08 20.89
C SER A 164 -8.17 1.56 19.67
C SER A 164 -8.18 1.57 19.69
N HIS A 165 -9.39 1.08 19.95
CA HIS A 165 -10.23 0.50 18.89
C HIS A 165 -10.78 1.53 17.89
N TYR A 166 -10.60 2.83 18.17
CA TYR A 166 -10.97 3.86 17.21
C TYR A 166 -10.01 3.89 16.01
N GLY A 167 -8.83 3.31 16.19
CA GLY A 167 -7.78 3.40 15.17
C GLY A 167 -7.14 4.78 15.20
N GLY A 168 -6.54 5.19 14.09
CA GLY A 168 -5.85 6.48 14.02
C GLY A 168 -4.56 6.55 14.83
N GLY A 169 -4.03 5.40 15.22
CA GLY A 169 -2.74 5.36 15.92
C GLY A 169 -1.57 5.76 15.03
N LEU A 170 -0.60 6.47 15.60
CA LEU A 170 0.67 6.67 14.92
C LEU A 170 1.52 5.42 15.12
N ARG A 171 1.90 4.76 14.04
CA ARG A 171 2.66 3.51 14.14
C ARG A 171 4.06 3.67 13.57
N LEU A 172 5.03 3.08 14.27
CA LEU A 172 6.45 3.22 13.87
C LEU A 172 7.02 1.85 13.54
N PHE A 173 7.87 1.82 12.51
CA PHE A 173 8.38 0.56 11.96
C PHE A 173 9.88 0.38 12.20
N PRO A 174 10.29 -0.82 12.66
CA PRO A 174 11.71 -1.15 12.70
C PRO A 174 12.22 -1.42 11.29
N SER A 175 13.54 -1.50 11.12
CA SER A 175 14.12 -1.74 9.80
C SER A 175 14.94 -3.02 9.73
N ILE A 176 14.85 -3.71 8.60
CA ILE A 176 15.66 -4.89 8.32
C ILE A 176 17.05 -4.41 7.91
N LEU A 177 17.07 -3.39 7.05
CA LEU A 177 18.27 -2.67 6.63
C LEU A 177 17.88 -1.21 6.41
N PRO A 178 18.87 -0.30 6.27
CA PRO A 178 18.52 1.07 5.87
C PRO A 178 17.66 1.10 4.61
N ASN A 179 16.57 1.88 4.67
CA ASN A 179 15.57 1.99 3.60
C ASN A 179 14.76 0.72 3.32
N VAL A 180 14.87 -0.26 4.21
CA VAL A 180 14.11 -1.48 4.12
C VAL A 180 13.36 -1.75 5.45
N PRO A 181 12.21 -1.07 5.65
CA PRO A 181 11.44 -1.31 6.89
C PRO A 181 10.87 -2.72 6.96
N HIS A 182 10.73 -3.24 8.17
CA HIS A 182 9.97 -4.47 8.44
C HIS A 182 8.52 -4.23 8.06
N SER A 183 7.84 -5.29 7.60
CA SER A 183 6.44 -5.17 7.18
C SER A 183 5.49 -4.75 8.31
N ASP A 184 5.80 -5.16 9.53
CA ASP A 184 4.90 -4.90 10.66
C ASP A 184 5.49 -3.88 11.62
N PRO A 185 4.64 -2.97 12.14
CA PRO A 185 5.15 -1.95 13.06
C PRO A 185 5.46 -2.53 14.44
N SER A 186 6.30 -1.83 15.21
CA SER A 186 6.69 -2.31 16.54
C SER A 186 6.28 -1.35 17.65
N ALA A 187 5.73 -0.20 17.29
CA ALA A 187 5.20 0.76 18.27
C ALA A 187 3.96 1.45 17.74
N LYS A 188 3.06 1.81 18.64
CA LYS A 188 1.84 2.52 18.27
C LYS A 188 1.47 3.51 19.37
N LEU A 189 1.30 4.75 18.97
CA LEU A 189 0.86 5.80 19.88
C LEU A 189 -0.61 6.11 19.62
N VAL A 190 -1.41 6.04 20.68
CA VAL A 190 -2.83 6.38 20.62
C VAL A 190 -2.99 7.87 20.96
N PRO A 191 -3.44 8.69 20.00
CA PRO A 191 -3.46 10.15 20.19
C PRO A 191 -4.50 10.61 21.21
N GLN A 192 -4.18 11.64 21.99
CA GLN A 192 -5.17 12.31 22.85
C GLN A 192 -5.09 13.82 22.63
N PHE A 193 -6.16 14.54 23.00
CA PHE A 193 -6.16 15.99 22.95
C PHE A 193 -4.96 16.56 23.72
N ASN A 194 -4.24 17.48 23.08
CA ASN A 194 -3.11 18.18 23.70
C ASN A 194 -1.88 17.29 23.91
N GLN A 195 -1.83 16.18 23.17
CA GLN A 195 -0.65 15.33 23.17
C GLN A 195 0.12 15.61 21.88
N ILE A 196 1.43 15.72 21.99
CA ILE A 196 2.30 15.87 20.83
C ILE A 196 3.18 14.63 20.69
N ALA A 197 3.34 14.15 19.46
CA ALA A 197 4.27 13.07 19.15
C ALA A 197 5.29 13.62 18.17
N PHE A 198 6.53 13.17 18.28
CA PHE A 198 7.58 13.75 17.46
C PHE A 198 8.79 12.85 17.30
N PHE A 199 9.57 13.12 16.25
CA PHE A 199 10.81 12.39 16.02
C PHE A 199 11.70 13.16 15.06
N LYS A 200 13.00 13.07 15.30
CA LYS A 200 13.99 13.57 14.36
C LYS A 200 13.84 12.77 13.07
N VAL A 201 13.81 13.48 11.94
CA VAL A 201 13.72 12.86 10.62
C VAL A 201 15.01 12.09 10.34
N LEU A 202 14.88 10.79 10.06
CA LEU A 202 16.03 9.91 9.88
C LEU A 202 16.03 9.22 8.52
N PRO A 203 16.79 9.75 7.55
CA PRO A 203 16.87 9.10 6.25
C PRO A 203 17.21 7.62 6.39
N GLY A 204 16.41 6.78 5.74
CA GLY A 204 16.56 5.34 5.81
C GLY A 204 15.87 4.61 6.96
N PHE A 205 15.37 5.36 7.94
CA PHE A 205 14.94 4.73 9.20
C PHE A 205 13.59 5.17 9.78
N SER A 206 13.21 6.42 9.59
CA SER A 206 12.06 6.98 10.33
C SER A 206 10.73 6.62 9.68
N PHE A 207 10.51 5.33 9.47
CA PHE A 207 9.31 4.83 8.84
C PHE A 207 8.14 4.74 9.80
N HIS A 208 7.03 5.35 9.41
CA HIS A 208 5.84 5.44 10.23
C HIS A 208 4.61 5.48 9.34
N ASP A 209 3.46 5.24 9.95
CA ASP A 209 2.21 5.38 9.25
C ASP A 209 1.12 5.76 10.25
C LVN A 210 -2.33 5.35 10.03
N LVN A 210 -0.20 6.25 9.50
O LVN A 210 -2.74 5.11 8.91
CA LVN A 210 -1.36 6.48 10.35
CB LVN A 210 -1.98 7.83 10.03
CG1 LVN A 210 -3.24 8.05 10.87
OG1 LVN A 210 -3.25 7.81 12.08
CG2 LVN A 210 -0.97 8.94 10.29
N GLU A 211 -2.43 4.45 11.28
CA GLU A 211 -3.46 3.39 11.35
C GLU A 211 -4.81 3.98 10.95
N GLU A 212 -5.52 3.27 10.08
CA GLU A 212 -6.85 3.69 9.65
C GLU A 212 -7.75 3.98 10.85
N VAL A 213 -8.57 5.03 10.74
CA VAL A 213 -9.60 5.32 11.73
C VAL A 213 -10.74 4.34 11.45
N LYS A 214 -11.09 3.56 12.48
CA LYS A 214 -11.93 2.36 12.32
C LYS A 214 -13.39 2.58 12.73
N VAL A 215 -13.67 3.75 13.28
CA VAL A 215 -15.02 4.10 13.75
C VAL A 215 -15.39 5.48 13.23
N ASP A 216 -16.67 5.84 13.40
CA ASP A 216 -17.16 7.14 13.00
C ASP A 216 -16.80 8.21 14.05
N LYS A 217 -15.52 8.58 14.07
CA LYS A 217 -15.00 9.63 14.94
C LYS A 217 -14.10 10.55 14.12
N HIS A 218 -13.81 11.73 14.65
CA HIS A 218 -13.00 12.74 13.95
C HIS A 218 -11.66 12.97 14.64
N ARG A 219 -10.59 12.52 13.98
CA ARG A 219 -9.23 12.67 14.50
C ARG A 219 -8.66 13.94 13.86
N LEU A 220 -8.70 15.05 14.59
CA LEU A 220 -8.14 16.31 14.12
C LEU A 220 -6.71 16.43 14.59
N SER A 221 -5.81 16.84 13.70
CA SER A 221 -4.42 17.00 14.08
C SER A 221 -3.77 18.18 13.37
N ILE A 222 -2.72 18.71 13.99
CA ILE A 222 -1.85 19.67 13.34
C ILE A 222 -0.48 18.99 13.21
N GLN A 223 -0.10 18.71 11.96
CA GLN A 223 1.19 18.08 11.64
C GLN A 223 2.13 19.20 11.24
N GLY A 224 3.36 19.14 11.70
CA GLY A 224 4.34 20.14 11.31
C GLY A 224 5.74 19.61 11.24
N TRP A 225 6.64 20.44 10.72
CA TRP A 225 8.06 20.15 10.72
C TRP A 225 8.87 21.34 11.17
N TYR A 226 9.92 21.06 11.94
CA TYR A 226 10.99 22.02 12.16
C TYR A 226 12.05 21.77 11.11
N HIS A 227 12.59 22.85 10.56
CA HIS A 227 13.56 22.77 9.48
C HIS A 227 14.97 23.15 9.92
N ILE A 228 15.95 22.78 9.10
CA ILE A 228 17.32 23.27 9.20
C ILE A 228 17.29 24.81 9.23
N PRO A 229 18.09 25.43 10.13
CA PRO A 229 18.12 26.91 10.18
C PRO A 229 18.43 27.55 8.83
N GLN A 230 17.78 28.67 8.57
CA GLN A 230 17.92 29.40 7.31
C GLN A 230 18.89 30.55 7.52
N VAL A 231 19.29 31.21 6.42
CA VAL A 231 20.18 32.37 6.52
C VAL A 231 19.70 33.34 7.59
N GLY A 232 20.65 33.84 8.38
CA GLY A 232 20.36 34.84 9.40
C GLY A 232 19.84 34.30 10.72
N GLU A 233 19.62 32.99 10.79
CA GLU A 233 19.10 32.34 11.99
C GLU A 233 20.19 31.68 12.81
N GLU A 234 19.93 31.52 14.11
CA GLU A 234 20.84 30.80 15.00
C GLU A 234 21.10 29.39 14.47
N GLY A 235 22.37 29.00 14.41
CA GLY A 235 22.75 27.69 13.92
C GLY A 235 22.85 27.54 12.42
N TYR A 236 22.65 28.62 11.68
CA TYR A 236 22.77 28.58 10.22
C TYR A 236 24.20 28.26 9.80
N ILE A 237 24.32 27.27 8.91
CA ILE A 237 25.61 26.89 8.32
C ILE A 237 25.45 26.93 6.80
N PRO A 238 26.14 27.87 6.12
CA PRO A 238 26.03 27.93 4.67
C PRO A 238 26.36 26.57 4.04
N GLY A 239 25.49 26.09 3.17
CA GLY A 239 25.70 24.81 2.48
C GLY A 239 25.15 23.57 3.15
N GLU A 240 24.78 23.69 4.43
CA GLU A 240 24.25 22.55 5.19
C GLU A 240 22.99 21.96 4.55
N GLU A 241 22.02 22.83 4.26
CA GLU A 241 20.75 22.40 3.68
C GLU A 241 20.94 21.78 2.30
N GLU A 242 21.76 22.41 1.46
CA GLU A 242 22.05 21.90 0.12
C GLU A 242 22.64 20.49 0.18
N ALA A 243 23.59 20.27 1.10
CA ALA A 243 24.23 18.97 1.28
C ALA A 243 23.25 17.90 1.75
N TRP A 244 22.36 18.29 2.66
CA TRP A 244 21.32 17.40 3.18
C TRP A 244 20.39 16.94 2.08
N VAL A 245 19.90 17.87 1.27
CA VAL A 245 18.99 17.56 0.16
C VAL A 245 19.67 16.67 -0.88
N ARG A 246 20.92 16.99 -1.22
CA ARG A 246 21.70 16.22 -2.19
C ARG A 246 21.93 14.78 -1.75
N ASN A 247 22.30 14.60 -0.48
N ASN A 247 22.30 14.60 -0.48
CA ASN A 247 22.56 13.26 0.08
CA ASN A 247 22.55 13.28 0.09
C ASN A 247 21.30 12.42 0.24
C ASN A 247 21.30 12.41 0.16
N ASN A 248 20.14 13.07 0.24
CA ASN A 248 18.84 12.37 0.33
C ASN A 248 18.18 12.11 -1.02
N THR A 249 18.58 12.86 -2.04
CA THR A 249 18.02 12.69 -3.38
C THR A 249 18.85 11.69 -4.19
N SER A 250 20.17 11.82 -4.10
CA SER A 250 21.09 10.90 -4.77
C SER A 250 21.23 9.57 -4.00
N ASN A 258 20.37 0.80 -8.43
CA ASN A 258 19.08 0.32 -7.94
C ASN A 258 19.26 -0.94 -7.10
N VAL A 259 20.13 -0.84 -6.09
CA VAL A 259 20.44 -1.97 -5.20
C VAL A 259 19.21 -2.40 -4.39
N LEU A 260 18.35 -1.44 -4.06
CA LEU A 260 17.21 -1.69 -3.18
C LEU A 260 16.11 -2.57 -3.78
N GLU A 261 16.07 -2.67 -5.10
CA GLU A 261 15.10 -3.57 -5.76
C GLU A 261 15.33 -5.05 -5.43
N ASP A 262 16.53 -5.37 -4.94
CA ASP A 262 16.85 -6.72 -4.47
C ASP A 262 15.99 -7.12 -3.26
N PHE A 263 15.54 -6.14 -2.49
CA PHE A 263 14.80 -6.41 -1.27
C PHE A 263 13.29 -6.44 -1.45
N GLU A 264 12.84 -6.22 -2.69
CA GLU A 264 11.41 -6.25 -3.02
C GLU A 264 10.98 -7.66 -3.40
N PHE A 265 9.89 -8.12 -2.77
CA PHE A 265 9.30 -9.42 -3.10
C PHE A 265 7.80 -9.23 -3.19
N PRO A 266 7.14 -9.93 -4.15
CA PRO A 266 7.70 -10.81 -5.17
C PRO A 266 8.43 -10.02 -6.25
N LYS A 267 9.37 -10.67 -6.93
CA LYS A 267 10.06 -10.05 -8.05
C LYS A 267 9.12 -9.92 -9.23
N ASP A 268 9.26 -8.81 -9.97
CA ASP A 268 8.49 -8.56 -11.17
C ASP A 268 9.23 -9.23 -12.34
N GLU A 269 9.20 -10.56 -12.34
CA GLU A 269 9.99 -11.41 -13.24
C GLU A 269 9.11 -12.47 -13.87
N ARG A 270 9.27 -12.68 -15.17
CA ARG A 270 8.51 -13.70 -15.90
C ARG A 270 9.45 -14.75 -16.43
N ASN A 271 8.97 -15.99 -16.48
CA ASN A 271 9.74 -17.10 -17.03
C ASN A 271 9.37 -17.37 -18.47
N ILE A 272 10.38 -17.66 -19.30
CA ILE A 272 10.12 -17.90 -20.72
C ILE A 272 9.36 -19.21 -20.91
N LEU A 273 8.51 -19.24 -21.94
CA LEU A 273 7.68 -20.40 -22.21
C LEU A 273 8.43 -21.46 -23.00
N SER A 274 7.91 -22.68 -23.02
CA SER A 274 8.53 -23.80 -23.72
C SER A 274 8.46 -23.60 -25.24
N PHE A 275 9.38 -24.25 -25.95
CA PHE A 275 9.37 -24.27 -27.42
C PHE A 275 8.03 -24.75 -27.96
N HIS A 276 7.49 -25.80 -27.34
CA HIS A 276 6.21 -26.38 -27.74
C HIS A 276 5.10 -25.34 -27.73
N GLU A 277 5.02 -24.58 -26.63
CA GLU A 277 3.97 -23.56 -26.47
C GLU A 277 4.03 -22.50 -27.55
N VAL A 278 5.21 -21.91 -27.74
CA VAL A 278 5.39 -20.80 -28.67
C VAL A 278 5.04 -21.23 -30.10
N LYS A 279 5.45 -22.44 -30.47
CA LYS A 279 5.10 -23.02 -31.77
C LYS A 279 3.59 -23.08 -32.00
N HIS A 280 2.85 -23.51 -30.98
CA HIS A 280 1.40 -23.57 -31.04
C HIS A 280 0.78 -22.21 -31.31
N PHE A 281 1.26 -21.18 -30.61
CA PHE A 281 0.70 -19.84 -30.78
C PHE A 281 1.03 -19.30 -32.16
N GLU A 282 2.30 -19.45 -32.57
CA GLU A 282 2.76 -19.04 -33.90
C GLU A 282 1.97 -19.70 -35.03
N LYS A 283 1.83 -21.02 -34.95
CA LYS A 283 1.09 -21.81 -35.94
C LYS A 283 -0.34 -21.30 -36.09
N MET A 284 -1.00 -21.07 -34.96
CA MET A 284 -2.39 -20.62 -34.93
C MET A 284 -2.58 -19.22 -35.51
N LEU A 285 -1.68 -18.30 -35.16
CA LEU A 285 -1.81 -16.90 -35.58
C LEU A 285 -1.19 -16.57 -36.95
N LYS A 286 -0.55 -17.56 -37.57
CA LYS A 286 -0.02 -17.41 -38.93
C LYS A 286 -0.90 -18.13 -39.93
N VAL A 309 -5.99 -18.71 -35.75
CA VAL A 309 -7.35 -18.50 -36.22
C VAL A 309 -8.35 -19.54 -35.69
N LYS A 310 -7.83 -20.71 -35.29
CA LYS A 310 -8.71 -21.82 -34.93
C LYS A 310 -8.23 -22.66 -33.73
N LEU A 311 -9.20 -23.00 -32.88
CA LEU A 311 -9.01 -23.94 -31.78
C LEU A 311 -9.82 -25.19 -32.11
N SER A 312 -9.25 -26.35 -31.81
CA SER A 312 -9.92 -27.63 -32.05
C SER A 312 -11.07 -27.85 -31.07
N GLU A 313 -11.96 -28.80 -31.38
CA GLU A 313 -13.07 -29.13 -30.49
C GLU A 313 -12.59 -29.65 -29.13
N ALA A 314 -11.49 -30.42 -29.15
CA ALA A 314 -10.86 -30.90 -27.92
C ALA A 314 -10.33 -29.73 -27.08
N GLU A 315 -9.76 -28.72 -27.76
CA GLU A 315 -9.24 -27.54 -27.08
C GLU A 315 -10.36 -26.72 -26.44
N PHE A 316 -11.48 -26.58 -27.16
CA PHE A 316 -12.66 -25.92 -26.59
C PHE A 316 -13.23 -26.69 -25.41
N THR A 317 -13.20 -28.03 -25.48
CA THR A 317 -13.65 -28.86 -24.36
C THR A 317 -12.78 -28.60 -23.13
N TYR A 318 -11.46 -28.49 -23.34
CA TYR A 318 -10.55 -28.23 -22.24
C TYR A 318 -10.84 -26.86 -21.62
N LEU A 319 -10.96 -25.83 -22.46
CA LEU A 319 -11.28 -24.49 -21.98
C LEU A 319 -12.61 -24.43 -21.22
N SER A 320 -13.57 -25.23 -21.66
N SER A 320 -13.56 -25.26 -21.63
CA SER A 320 -14.92 -25.19 -21.09
CA SER A 320 -14.88 -25.33 -21.00
C SER A 320 -14.95 -25.73 -19.67
C SER A 320 -14.84 -25.85 -19.57
N GLN A 321 -13.89 -26.40 -19.25
N GLN A 321 -13.73 -26.47 -19.18
CA GLN A 321 -13.81 -26.87 -17.87
CA GLN A 321 -13.61 -26.93 -17.80
C GLN A 321 -13.80 -25.70 -16.88
C GLN A 321 -13.60 -25.76 -16.81
N TYR A 322 -13.18 -24.58 -17.28
CA TYR A 322 -13.11 -23.38 -16.44
C TYR A 322 -13.90 -22.16 -16.92
N ILE A 323 -13.91 -21.93 -18.22
CA ILE A 323 -14.43 -20.67 -18.78
C ILE A 323 -15.92 -20.79 -19.15
N SER A 324 -16.69 -19.74 -18.88
N SER A 324 -16.69 -19.74 -18.88
CA SER A 324 -18.11 -19.66 -19.23
CA SER A 324 -18.11 -19.67 -19.21
C SER A 324 -18.32 -19.83 -20.74
C SER A 324 -18.34 -19.81 -20.72
N PRO A 325 -19.40 -20.55 -21.12
CA PRO A 325 -19.69 -20.76 -22.55
C PRO A 325 -19.79 -19.47 -23.37
N GLU A 326 -20.25 -18.38 -22.73
N GLU A 326 -20.26 -18.41 -22.71
CA GLU A 326 -20.43 -17.11 -23.45
CA GLU A 326 -20.40 -17.08 -23.33
C GLU A 326 -19.12 -16.48 -23.94
C GLU A 326 -19.11 -16.63 -24.01
N HIS A 327 -18.00 -16.88 -23.34
CA HIS A 327 -16.69 -16.39 -23.76
C HIS A 327 -15.95 -17.36 -24.68
N LEU A 328 -16.60 -18.48 -25.01
CA LEU A 328 -16.00 -19.50 -25.88
C LEU A 328 -16.78 -19.69 -27.18
N SER A 329 -17.92 -19.03 -27.30
CA SER A 329 -18.73 -19.12 -28.51
C SER A 329 -18.10 -18.30 -29.64
N SER A 330 -18.45 -18.64 -30.88
CA SER A 330 -17.89 -17.93 -32.03
C SER A 330 -18.11 -16.41 -31.97
N LYS A 331 -19.32 -15.99 -31.62
CA LYS A 331 -19.65 -14.55 -31.59
C LYS A 331 -19.19 -13.87 -30.31
N GLY A 332 -19.14 -14.63 -29.22
CA GLY A 332 -18.58 -14.16 -27.95
C GLY A 332 -17.11 -13.82 -28.13
N ILE A 333 -16.38 -14.73 -28.79
CA ILE A 333 -14.96 -14.52 -29.09
C ILE A 333 -14.78 -13.33 -30.04
N GLU A 334 -15.60 -13.24 -31.08
CA GLU A 334 -15.50 -12.12 -32.01
C GLU A 334 -15.65 -10.76 -31.33
N LYS A 335 -16.60 -10.67 -30.39
CA LYS A 335 -16.82 -9.43 -29.65
C LYS A 335 -15.59 -9.07 -28.81
N LEU A 336 -15.04 -10.05 -28.10
CA LEU A 336 -13.84 -9.83 -27.27
C LEU A 336 -12.64 -9.40 -28.12
N GLN A 337 -12.46 -10.06 -29.26
CA GLN A 337 -11.38 -9.68 -30.18
C GLN A 337 -11.50 -8.22 -30.62
N LYS A 338 -12.72 -7.81 -30.96
CA LYS A 338 -13.00 -6.44 -31.38
C LYS A 338 -12.76 -5.42 -30.26
N GLN A 339 -13.19 -5.76 -29.05
CA GLN A 339 -12.97 -4.91 -27.87
C GLN A 339 -11.48 -4.72 -27.61
N PHE A 340 -10.71 -5.80 -27.71
CA PHE A 340 -9.27 -5.71 -27.48
C PHE A 340 -8.56 -4.86 -28.54
N VAL A 341 -8.97 -5.02 -29.80
CA VAL A 341 -8.44 -4.18 -30.88
C VAL A 341 -8.69 -2.68 -30.60
N GLU A 342 -9.91 -2.36 -30.18
CA GLU A 342 -10.32 -0.97 -30.00
C GLU A 342 -9.74 -0.32 -28.74
N ASN A 343 -9.62 -1.10 -27.67
CA ASN A 343 -9.29 -0.58 -26.34
C ASN A 343 -7.91 -0.98 -25.81
N SER A 344 -7.33 -2.02 -26.40
CA SER A 344 -6.10 -2.66 -25.88
C SER A 344 -6.30 -3.15 -24.44
N SER A 345 -7.55 -3.49 -24.13
CA SER A 345 -7.94 -4.03 -22.83
C SER A 345 -9.27 -4.77 -22.95
N LEU A 346 -9.52 -5.66 -21.99
CA LEU A 346 -10.80 -6.34 -21.87
C LEU A 346 -11.26 -6.25 -20.43
N GLN A 347 -12.56 -6.12 -20.22
CA GLN A 347 -13.13 -6.23 -18.87
C GLN A 347 -14.29 -7.19 -18.94
N ILE A 348 -14.01 -8.44 -18.57
CA ILE A 348 -14.98 -9.53 -18.74
C ILE A 348 -15.69 -9.82 -17.42
N GLU A 349 -17.02 -9.88 -17.47
CA GLU A 349 -17.81 -10.28 -16.30
C GLU A 349 -18.19 -11.76 -16.40
N SER A 350 -18.41 -12.38 -15.24
CA SER A 350 -18.71 -13.82 -15.15
C SER A 350 -17.79 -14.64 -16.05
N PHE A 351 -16.49 -14.49 -15.82
CA PHE A 351 -15.49 -15.11 -16.66
C PHE A 351 -15.50 -16.64 -16.56
N LEU A 352 -15.38 -17.15 -15.34
CA LEU A 352 -15.40 -18.58 -15.08
C LEU A 352 -16.81 -19.12 -15.16
N ASN A 353 -16.93 -20.39 -15.56
CA ASN A 353 -18.23 -21.04 -15.66
C ASN A 353 -18.91 -21.23 -14.30
N ASP A 354 -20.19 -21.63 -14.32
CA ASP A 354 -20.97 -21.79 -13.10
C ASP A 354 -20.37 -22.78 -12.11
N ASP A 355 -19.89 -23.92 -12.61
CA ASP A 355 -19.33 -24.98 -11.76
C ASP A 355 -18.15 -24.47 -10.94
N LYS A 356 -17.21 -23.82 -11.62
CA LYS A 356 -15.98 -23.33 -10.99
C LYS A 356 -16.21 -22.08 -10.15
N SER A 357 -17.08 -21.20 -10.62
CA SER A 357 -17.49 -20.02 -9.84
C SER A 357 -18.09 -20.45 -8.50
N GLU A 358 -19.00 -21.43 -8.54
CA GLU A 358 -19.65 -21.92 -7.33
C GLU A 358 -18.65 -22.59 -6.38
N LEU A 359 -17.75 -23.39 -6.93
CA LEU A 359 -16.73 -24.08 -6.13
C LEU A 359 -15.83 -23.07 -5.41
N LEU A 360 -15.31 -22.12 -6.17
CA LEU A 360 -14.40 -21.10 -5.62
C LEU A 360 -15.09 -20.21 -4.61
N LYS A 361 -16.34 -19.84 -4.86
CA LYS A 361 -17.07 -18.99 -3.92
C LYS A 361 -17.27 -19.70 -2.59
N LYS A 362 -17.65 -20.98 -2.67
CA LYS A 362 -17.86 -21.79 -1.47
C LYS A 362 -16.61 -21.87 -0.61
N VAL A 363 -15.47 -22.19 -1.23
CA VAL A 363 -14.24 -22.40 -0.46
C VAL A 363 -13.62 -21.09 0.07
N ILE A 364 -13.71 -20.02 -0.71
CA ILE A 364 -13.22 -18.71 -0.27
C ILE A 364 -14.09 -18.17 0.88
N LYS A 365 -15.40 -18.25 0.73
CA LYS A 365 -16.30 -17.82 1.80
C LYS A 365 -16.10 -18.61 3.09
N GLN A 366 -15.91 -19.92 2.97
CA GLN A 366 -15.67 -20.79 4.13
C GLN A 366 -14.39 -20.36 4.85
N LYS A 367 -13.34 -20.07 4.09
CA LYS A 367 -12.09 -19.64 4.70
C LYS A 367 -12.26 -18.29 5.39
N GLU A 368 -12.97 -17.37 4.74
CA GLU A 368 -13.22 -16.03 5.30
C GLU A 368 -14.00 -16.08 6.59
N LEU A 369 -15.02 -16.94 6.64
CA LEU A 369 -15.97 -16.92 7.75
C LEU A 369 -15.60 -17.86 8.89
N GLU A 370 -14.81 -18.90 8.60
CA GLU A 370 -14.57 -19.97 9.59
C GLU A 370 -13.11 -20.15 9.98
N GLN A 371 -12.20 -19.47 9.29
CA GLN A 371 -10.76 -19.62 9.56
C GLN A 371 -10.11 -18.32 9.98
N GLU A 372 -8.98 -18.44 10.68
CA GLU A 372 -8.24 -17.27 11.13
C GLU A 372 -7.13 -16.91 10.15
N CYS A 373 -7.09 -15.62 9.80
CA CYS A 373 -6.13 -15.08 8.85
C CYS A 373 -4.90 -14.57 9.59
N PRO A 374 -3.68 -14.86 9.08
CA PRO A 374 -2.50 -14.27 9.71
C PRO A 374 -2.45 -12.77 9.51
N TYR A 375 -2.14 -12.03 10.57
CA TYR A 375 -2.11 -10.57 10.55
C TYR A 375 -0.76 -9.99 10.97
N HIS A 376 0.27 -10.81 10.84
CA HIS A 376 1.66 -10.41 11.05
C HIS A 376 2.47 -11.32 10.14
N SER A 377 3.50 -10.77 9.51
CA SER A 377 4.31 -11.56 8.57
C SER A 377 4.96 -12.80 9.20
N LYS A 378 5.26 -12.73 10.51
CA LYS A 378 5.83 -13.90 11.20
C LYS A 378 4.85 -15.07 11.29
N ASP A 379 3.56 -14.79 11.16
CA ASP A 379 2.50 -15.80 11.33
C ASP A 379 2.03 -16.42 10.02
N VAL A 380 2.53 -15.89 8.91
CA VAL A 380 2.17 -16.37 7.59
C VAL A 380 2.90 -17.68 7.30
N LYS A 381 2.14 -18.70 6.89
CA LYS A 381 2.68 -20.04 6.66
C LYS A 381 2.48 -20.48 5.20
N ALA A 382 3.20 -21.53 4.81
CA ALA A 382 3.05 -22.12 3.47
C ALA A 382 1.56 -22.37 3.17
N PRO A 383 1.11 -22.10 1.93
CA PRO A 383 1.90 -21.71 0.76
C PRO A 383 2.06 -20.19 0.58
N TRP A 384 1.75 -19.42 1.61
CA TRP A 384 1.69 -17.98 1.49
C TRP A 384 3.03 -17.29 1.78
N LYS A 385 3.23 -16.14 1.13
CA LYS A 385 4.33 -15.24 1.40
C LYS A 385 3.77 -13.84 1.60
N THR A 386 4.57 -12.96 2.21
CA THR A 386 4.19 -11.55 2.39
C THR A 386 5.01 -10.68 1.46
N ALA A 387 4.31 -9.89 0.64
CA ALA A 387 4.98 -8.88 -0.19
C ALA A 387 5.65 -7.82 0.68
N ILE A 388 6.88 -7.46 0.31
CA ILE A 388 7.70 -6.50 1.07
C ILE A 388 8.52 -5.64 0.11
N PRO A 389 8.98 -4.45 0.55
CA PRO A 389 8.83 -3.76 1.84
C PRO A 389 7.56 -2.88 1.91
N PRO A 390 7.12 -2.51 3.13
CA PRO A 390 5.82 -1.87 3.32
C PRO A 390 5.70 -0.40 2.89
N HIS A 391 6.79 0.24 2.50
CA HIS A 391 6.67 1.55 1.85
C HIS A 391 6.46 1.40 0.34
N LYS A 392 6.33 0.15 -0.11
CA LYS A 392 6.03 -0.17 -1.50
C LYS A 392 4.74 -0.99 -1.65
N ALA A 393 4.57 -1.99 -0.81
CA ALA A 393 3.43 -2.91 -0.90
C ALA A 393 3.30 -3.76 0.35
N ARG A 394 2.11 -4.30 0.55
CA ARG A 394 1.90 -5.35 1.53
C ARG A 394 0.70 -6.15 1.06
N TYR A 395 0.87 -7.47 0.95
CA TYR A 395 -0.22 -8.39 0.63
C TYR A 395 0.29 -9.82 0.78
N LEU A 396 -0.63 -10.78 0.79
CA LEU A 396 -0.24 -12.17 0.83
C LEU A 396 -0.30 -12.73 -0.58
N TYR A 397 0.62 -13.62 -0.91
CA TYR A 397 0.61 -14.20 -2.25
C TYR A 397 1.11 -15.63 -2.24
N ILE A 398 0.59 -16.41 -3.20
CA ILE A 398 1.10 -17.73 -3.52
C ILE A 398 1.80 -17.61 -4.88
N ASP A 399 3.10 -17.90 -4.91
CA ASP A 399 3.86 -17.85 -6.17
C ASP A 399 4.33 -19.23 -6.64
N GLY A 400 4.07 -20.26 -5.83
CA GLY A 400 4.52 -21.62 -6.12
C GLY A 400 5.99 -21.89 -5.87
N LYS A 401 6.71 -20.92 -5.31
CA LYS A 401 8.13 -21.10 -4.98
C LYS A 401 8.28 -21.65 -3.58
N GLU A 402 9.50 -22.07 -3.21
CA GLU A 402 9.74 -22.59 -1.87
C GLU A 402 9.41 -21.53 -0.83
N TYR A 403 9.00 -21.98 0.35
CA TYR A 403 8.55 -21.11 1.43
C TYR A 403 9.62 -20.08 1.80
N ARG A 404 9.18 -18.84 2.00
CA ARG A 404 10.04 -17.77 2.50
C ARG A 404 9.29 -16.96 3.55
N ASN A 405 10.00 -16.61 4.61
CA ASN A 405 9.48 -15.71 5.62
C ASN A 405 10.62 -14.80 6.02
N PHE A 406 10.54 -13.56 5.57
CA PHE A 406 11.65 -12.64 5.62
C PHE A 406 11.60 -11.80 6.89
N GLN A 407 12.40 -12.19 7.88
CA GLN A 407 12.41 -11.50 9.17
C GLN A 407 13.75 -10.84 9.44
N THR A 408 14.79 -11.27 8.73
CA THR A 408 16.14 -10.71 8.87
C THR A 408 16.78 -10.48 7.51
N GLU A 409 17.85 -9.70 7.50
CA GLU A 409 18.66 -9.48 6.32
C GLU A 409 19.16 -10.83 5.75
N ALA A 410 19.59 -11.72 6.63
CA ALA A 410 20.10 -13.04 6.23
C ALA A 410 19.06 -13.85 5.45
N ASP A 411 17.81 -13.81 5.90
CA ASP A 411 16.71 -14.49 5.20
C ASP A 411 16.59 -14.03 3.75
N ILE A 412 16.70 -12.72 3.54
CA ILE A 412 16.62 -12.15 2.19
C ILE A 412 17.85 -12.55 1.37
N LEU A 413 19.03 -12.44 1.97
CA LEU A 413 20.27 -12.77 1.24
C LEU A 413 20.29 -14.22 0.79
N GLU A 414 19.78 -15.11 1.64
CA GLU A 414 19.69 -16.53 1.31
C GLU A 414 18.82 -16.74 0.06
N ALA A 415 17.67 -16.09 0.01
CA ALA A 415 16.78 -16.18 -1.15
C ALA A 415 17.46 -15.68 -2.42
N LEU A 416 18.19 -14.58 -2.29
CA LEU A 416 18.86 -13.98 -3.45
C LEU A 416 20.01 -14.86 -3.98
N ASN A 417 20.67 -15.57 -3.09
CA ASN A 417 21.75 -16.47 -3.50
C ASN A 417 21.21 -17.79 -4.05
N ASN A 418 19.93 -18.05 -3.81
CA ASN A 418 19.33 -19.33 -4.14
C ASN A 418 17.99 -19.14 -4.82
N ASN A 419 17.99 -18.55 -6.02
CA ASN A 419 16.75 -18.35 -6.75
C ASN A 419 16.13 -19.69 -7.10
N ASP A 420 14.81 -19.77 -6.98
CA ASP A 420 14.09 -20.97 -7.40
C ASP A 420 12.90 -20.56 -8.25
N LEU A 421 12.34 -21.52 -8.98
CA LEU A 421 11.26 -21.25 -9.92
C LEU A 421 9.93 -21.80 -9.42
N PRO A 422 8.79 -21.21 -9.86
CA PRO A 422 7.49 -21.67 -9.40
C PRO A 422 7.22 -23.12 -9.78
N ASN A 423 6.60 -23.86 -8.86
CA ASN A 423 6.05 -25.15 -9.20
C ASN A 423 4.77 -25.40 -8.42
N PHE A 424 3.65 -25.24 -9.12
CA PHE A 424 2.34 -25.31 -8.47
C PHE A 424 1.94 -26.71 -8.02
N GLN A 425 2.30 -27.75 -8.78
CA GLN A 425 1.96 -29.11 -8.34
C GLN A 425 2.71 -29.52 -7.07
N PHE A 426 4.00 -29.17 -6.98
CA PHE A 426 4.75 -29.42 -5.77
C PHE A 426 4.18 -28.64 -4.58
N THR A 427 3.70 -27.43 -4.84
CA THR A 427 3.04 -26.61 -3.82
C THR A 427 1.76 -27.31 -3.32
N LYS A 428 0.94 -27.78 -4.25
CA LYS A 428 -0.23 -28.60 -3.92
C LYS A 428 0.13 -29.81 -3.06
N ASP A 429 1.19 -30.53 -3.46
CA ASP A 429 1.64 -31.72 -2.74
C ASP A 429 2.00 -31.40 -1.29
N ALA A 430 2.72 -30.30 -1.10
CA ALA A 430 3.18 -29.88 0.22
C ALA A 430 1.99 -29.55 1.12
N ILE A 431 0.98 -28.91 0.54
CA ILE A 431 -0.25 -28.56 1.23
C ILE A 431 -0.98 -29.79 1.80
N LYS A 432 -1.13 -30.84 0.99
CA LYS A 432 -1.78 -32.07 1.43
C LYS A 432 -1.11 -32.72 2.64
N ILE A 433 0.22 -32.68 2.67
CA ILE A 433 1.00 -33.28 3.75
C ILE A 433 0.87 -32.49 5.07
N ILE A 434 0.84 -31.15 4.96
CA ILE A 434 0.56 -30.30 6.12
C ILE A 434 -0.87 -30.55 6.61
N SER A 435 -1.80 -30.63 5.66
CA SER A 435 -3.21 -30.82 5.96
C SER A 435 -3.53 -32.16 6.62
N ASP A 436 -2.94 -33.24 6.10
CA ASP A 436 -3.16 -34.58 6.64
C ASP A 436 -2.54 -34.77 8.02
N ALA A 437 -1.49 -34.00 8.31
CA ALA A 437 -0.87 -33.99 9.64
C ALA A 437 -1.74 -33.26 10.66
N SER A 438 -2.52 -32.29 10.19
CA SER A 438 -3.38 -31.47 11.06
C SER A 438 -4.77 -32.06 11.26
N GLY A 439 -5.30 -32.73 10.23
CA GLY A 439 -6.62 -33.37 10.31
C GLY A 439 -7.63 -32.92 9.27
N ASN A 440 -7.35 -31.80 8.60
CA ASN A 440 -8.22 -31.22 7.55
C ASN A 440 -9.62 -30.82 8.05
N SER A 441 -9.63 -29.94 9.05
CA SER A 441 -10.86 -29.49 9.70
C SER A 441 -11.44 -28.25 9.02
N ARG A 442 -12.61 -27.82 9.49
CA ARG A 442 -13.21 -26.57 9.01
C ARG A 442 -12.35 -25.36 9.37
N GLU A 443 -11.55 -25.50 10.42
CA GLU A 443 -10.69 -24.42 10.91
C GLU A 443 -9.35 -24.29 10.17
N ASN A 444 -8.83 -25.40 9.65
CA ASN A 444 -7.46 -25.42 9.11
C ASN A 444 -7.27 -25.97 7.70
N ASN A 445 -8.35 -26.29 7.01
CA ASN A 445 -8.26 -26.90 5.68
C ASN A 445 -7.69 -25.92 4.65
N PHE A 446 -7.12 -26.47 3.58
CA PHE A 446 -6.56 -25.67 2.49
C PHE A 446 -7.43 -25.73 1.24
N ASP A 447 -8.74 -25.90 1.40
CA ASP A 447 -9.64 -26.03 0.25
C ASP A 447 -9.59 -24.82 -0.69
N ALA A 448 -9.50 -23.61 -0.11
CA ALA A 448 -9.41 -22.40 -0.91
C ALA A 448 -8.10 -22.38 -1.70
N GLU A 449 -6.98 -22.65 -1.01
CA GLU A 449 -5.68 -22.62 -1.67
C GLU A 449 -5.58 -23.66 -2.78
N LEU A 450 -6.11 -24.85 -2.52
CA LEU A 450 -6.05 -25.91 -3.53
C LEU A 450 -6.88 -25.57 -4.78
N ALA A 451 -8.08 -25.03 -4.57
CA ALA A 451 -8.93 -24.62 -5.69
C ALA A 451 -8.30 -23.47 -6.47
N LEU A 452 -7.66 -22.54 -5.77
CA LEU A 452 -7.01 -21.41 -6.43
C LEU A 452 -5.77 -21.85 -7.20
N ILE A 453 -5.01 -22.79 -6.66
CA ILE A 453 -3.85 -23.33 -7.38
C ILE A 453 -4.31 -24.10 -8.63
N ASP A 454 -5.40 -24.86 -8.51
CA ASP A 454 -5.98 -25.52 -9.69
C ASP A 454 -6.34 -24.52 -10.78
N LEU A 455 -6.90 -23.37 -10.37
CA LEU A 455 -7.20 -22.29 -11.29
C LEU A 455 -5.93 -21.72 -11.93
N ALA A 456 -4.89 -21.51 -11.12
CA ALA A 456 -3.60 -21.06 -11.63
C ALA A 456 -3.02 -22.03 -12.67
N VAL A 457 -3.14 -23.32 -12.38
CA VAL A 457 -2.64 -24.36 -13.30
C VAL A 457 -3.40 -24.30 -14.62
N PHE A 458 -4.70 -24.03 -14.57
CA PHE A 458 -5.48 -23.85 -15.80
C PHE A 458 -4.92 -22.70 -16.64
N HIS A 459 -4.61 -21.58 -16.00
CA HIS A 459 -4.09 -20.42 -16.73
C HIS A 459 -2.63 -20.60 -17.19
N LYS A 460 -1.95 -21.57 -16.59
CA LYS A 460 -0.60 -21.95 -16.98
C LYS A 460 -0.61 -22.96 -18.15
N SER A 461 -1.79 -23.47 -18.48
CA SER A 461 -1.90 -24.50 -19.52
C SER A 461 -1.62 -23.95 -20.90
N THR A 462 -1.08 -24.80 -21.77
CA THR A 462 -0.80 -24.41 -23.13
C THR A 462 -2.09 -23.95 -23.82
N ILE A 463 -3.18 -24.67 -23.59
CA ILE A 463 -4.46 -24.36 -24.23
C ILE A 463 -5.03 -23.02 -23.76
N PHE A 464 -4.86 -22.66 -22.48
CA PHE A 464 -5.31 -21.33 -22.08
C PHE A 464 -4.56 -20.23 -22.82
N LYS A 465 -3.24 -20.36 -22.91
CA LYS A 465 -2.45 -19.34 -23.59
C LYS A 465 -2.76 -19.26 -25.10
N LYS A 466 -3.19 -20.39 -25.68
CA LYS A 466 -3.71 -20.39 -27.06
C LYS A 466 -4.99 -19.55 -27.18
N TYR A 467 -5.88 -19.69 -26.19
CA TYR A 467 -7.12 -18.90 -26.14
C TYR A 467 -6.80 -17.42 -25.95
N LEU A 468 -5.84 -17.12 -25.07
CA LEU A 468 -5.39 -15.75 -24.86
C LEU A 468 -4.85 -15.16 -26.15
N ALA A 469 -4.05 -15.94 -26.88
CA ALA A 469 -3.51 -15.56 -28.17
C ALA A 469 -4.64 -15.31 -29.18
N LEU A 470 -5.65 -16.17 -29.16
CA LEU A 470 -6.82 -15.99 -30.02
C LEU A 470 -7.54 -14.67 -29.76
N LEU A 471 -7.77 -14.35 -28.48
CA LEU A 471 -8.47 -13.11 -28.13
C LEU A 471 -7.70 -11.85 -28.54
N THR A 472 -6.38 -11.89 -28.42
CA THR A 472 -5.54 -10.70 -28.51
C THR A 472 -4.75 -10.54 -29.82
N SER A 473 -4.62 -11.64 -30.58
CA SER A 473 -3.70 -11.71 -31.72
C SER A 473 -2.25 -11.44 -31.30
N LEU A 474 -1.97 -11.71 -30.03
CA LEU A 474 -0.63 -11.57 -29.47
C LEU A 474 -0.15 -12.96 -29.08
N CYS A 475 1.17 -13.09 -29.08
N CYS A 475 1.15 -13.20 -29.26
CA CYS A 475 1.86 -14.36 -28.93
CA CYS A 475 1.74 -14.49 -28.89
C CYS A 475 2.61 -14.36 -27.59
C CYS A 475 2.53 -14.34 -27.60
N PRO A 476 2.04 -14.95 -26.51
CA PRO A 476 2.78 -14.92 -25.23
C PRO A 476 4.11 -15.67 -25.34
N VAL A 477 5.17 -15.12 -24.75
CA VAL A 477 6.48 -15.77 -24.77
C VAL A 477 7.07 -15.96 -23.38
N SER A 478 6.38 -15.45 -22.38
CA SER A 478 6.80 -15.60 -20.98
C SER A 478 5.57 -15.50 -20.08
N GLU A 479 5.70 -15.90 -18.83
CA GLU A 479 4.59 -15.80 -17.89
C GLU A 479 5.03 -15.63 -16.43
N GLN A 480 4.21 -14.93 -15.67
CA GLN A 480 4.23 -14.99 -14.21
C GLN A 480 2.80 -15.04 -13.71
N ILE A 481 2.51 -16.00 -12.84
CA ILE A 481 1.18 -16.12 -12.23
C ILE A 481 1.29 -16.10 -10.71
N LEU A 482 0.50 -15.21 -10.08
CA LEU A 482 0.43 -15.07 -8.62
C LEU A 482 -1.01 -15.15 -8.15
N ILE A 483 -1.25 -15.84 -7.03
CA ILE A 483 -2.53 -15.75 -6.33
C ILE A 483 -2.33 -14.74 -5.21
N ARG A 484 -3.23 -13.76 -5.10
CA ARG A 484 -3.08 -12.70 -4.10
C ARG A 484 -4.26 -12.59 -3.16
N ARG A 485 -3.97 -12.28 -1.90
CA ARG A 485 -4.99 -11.97 -0.92
C ARG A 485 -4.64 -10.65 -0.26
N PHE A 486 -5.56 -9.67 -0.35
CA PHE A 486 -5.39 -8.37 0.29
C PHE A 486 -6.30 -8.28 1.51
N ARG A 487 -5.69 -8.36 2.70
CA ARG A 487 -6.42 -8.41 3.97
C ARG A 487 -6.94 -7.04 4.38
N PRO A 488 -8.16 -6.98 4.92
CA PRO A 488 -8.71 -5.75 5.47
C PRO A 488 -7.76 -5.16 6.51
N GLY A 489 -7.51 -3.86 6.40
CA GLY A 489 -6.69 -3.14 7.37
C GLY A 489 -5.19 -3.32 7.21
N MET A 490 -4.76 -4.03 6.17
CA MET A 490 -3.35 -4.38 6.02
C MET A 490 -2.74 -4.10 4.66
N ASP A 491 -3.48 -4.48 3.61
CA ASP A 491 -2.84 -4.74 2.33
C ASP A 491 -3.19 -3.76 1.22
N PHE A 492 -2.22 -3.57 0.32
CA PHE A 492 -2.24 -2.54 -0.71
C PHE A 492 -1.06 -2.71 -1.65
N THR A 493 -1.12 -2.05 -2.81
CA THR A 493 0.09 -1.75 -3.57
C THR A 493 0.06 -0.27 -3.93
N LEU A 494 1.18 0.24 -4.43
CA LEU A 494 1.25 1.65 -4.82
C LEU A 494 1.49 1.74 -6.32
N ALA A 495 1.20 2.92 -6.88
CA ALA A 495 1.24 3.15 -8.33
C ALA A 495 2.62 2.91 -8.94
N THR A 496 2.73 1.90 -9.81
CA THR A 496 4.00 1.55 -10.45
C THR A 496 3.82 1.19 -11.91
N LYS A 497 4.92 1.24 -12.65
CA LYS A 497 4.95 0.86 -14.06
C LYS A 497 5.34 -0.60 -14.21
N CYS A 498 5.10 -1.16 -15.40
CA CYS A 498 5.52 -2.52 -15.71
C CYS A 498 7.04 -2.58 -15.77
N ARG A 499 7.59 -3.78 -15.63
CA ARG A 499 9.02 -3.97 -15.77
C ARG A 499 9.30 -4.81 -17.00
N PHE A 500 9.95 -4.21 -18.00
CA PHE A 500 10.28 -4.92 -19.22
C PHE A 500 11.36 -5.96 -18.98
N ASN A 501 11.26 -7.06 -19.72
CA ASN A 501 12.25 -8.12 -19.73
C ASN A 501 13.48 -7.64 -20.52
N GLU A 502 14.50 -7.16 -19.80
CA GLU A 502 15.64 -6.48 -20.41
C GLU A 502 16.46 -7.34 -21.40
N LEU A 503 16.39 -8.65 -21.22
CA LEU A 503 17.06 -9.61 -22.10
C LEU A 503 16.36 -9.70 -23.45
N LEU A 504 15.12 -9.23 -23.50
CA LEU A 504 14.27 -9.35 -24.69
C LEU A 504 14.13 -8.01 -25.43
N LYS A 505 14.85 -6.98 -24.98
CA LYS A 505 14.74 -5.61 -25.51
C LYS A 505 15.14 -5.46 -26.97
N SER A 506 16.13 -6.25 -27.40
CA SER A 506 16.65 -6.18 -28.76
C SER A 506 15.83 -6.99 -29.76
N ASN A 507 14.89 -7.78 -29.24
CA ASN A 507 14.00 -8.59 -30.08
C ASN A 507 12.92 -7.69 -30.72
N PRO A 508 12.96 -7.55 -32.06
CA PRO A 508 12.04 -6.62 -32.74
C PRO A 508 10.60 -7.15 -32.82
N ASP A 509 10.44 -8.47 -32.71
CA ASP A 509 9.11 -9.10 -32.75
C ASP A 509 8.38 -8.90 -31.43
N ILE A 510 9.14 -8.87 -30.33
CA ILE A 510 8.57 -8.69 -28.98
C ILE A 510 8.16 -7.23 -28.78
N ILE A 511 6.86 -7.04 -28.51
CA ILE A 511 6.23 -5.73 -28.33
C ILE A 511 6.73 -5.05 -27.06
N ASP A 512 6.90 -3.72 -27.12
CA ASP A 512 7.31 -2.94 -25.96
C ASP A 512 6.10 -2.70 -25.06
N ALA A 513 5.62 -3.79 -24.46
CA ALA A 513 4.45 -3.75 -23.60
C ALA A 513 4.42 -5.02 -22.76
N VAL A 514 3.69 -4.99 -21.65
CA VAL A 514 3.43 -6.20 -20.89
C VAL A 514 1.93 -6.42 -20.87
N LEU A 515 1.50 -7.64 -21.23
CA LEU A 515 0.09 -8.00 -21.14
C LEU A 515 -0.21 -8.46 -19.72
N GLU A 516 -1.23 -7.89 -19.09
CA GLU A 516 -1.50 -8.16 -17.67
C GLU A 516 -2.96 -8.51 -17.44
N GLY A 517 -3.17 -9.65 -16.77
CA GLY A 517 -4.51 -10.11 -16.44
C GLY A 517 -4.76 -10.13 -14.94
N THR A 518 -6.00 -9.86 -14.57
CA THR A 518 -6.41 -9.96 -13.17
C THR A 518 -7.76 -10.63 -13.11
N LEU A 519 -7.81 -11.81 -12.49
CA LEU A 519 -9.07 -12.51 -12.29
C LEU A 519 -9.48 -12.25 -10.85
N CYS A 520 -10.48 -11.40 -10.66
CA CYS A 520 -10.93 -11.03 -9.32
C CYS A 520 -11.96 -12.02 -8.78
N LEU A 521 -11.74 -12.46 -7.54
CA LEU A 521 -12.59 -13.45 -6.89
C LEU A 521 -12.91 -12.99 -5.45
N THR A 522 -13.49 -11.80 -5.38
CA THR A 522 -13.86 -11.21 -4.09
C THR A 522 -15.36 -11.39 -3.85
N PRO A 523 -15.72 -12.15 -2.79
CA PRO A 523 -17.12 -12.57 -2.61
C PRO A 523 -18.00 -11.62 -1.79
N SER A 524 -17.41 -10.58 -1.22
CA SER A 524 -18.16 -9.64 -0.37
C SER A 524 -18.63 -8.42 -1.14
N ALA A 525 -19.61 -7.71 -0.57
CA ALA A 525 -20.14 -6.50 -1.18
C ALA A 525 -19.84 -5.27 -0.33
N GLY A 526 -20.36 -4.11 -0.76
CA GLY A 526 -20.17 -2.86 -0.02
C GLY A 526 -18.95 -2.07 -0.43
N TRP A 527 -18.17 -2.60 -1.37
CA TRP A 527 -16.90 -2.00 -1.78
C TRP A 527 -17.05 -0.58 -2.31
N GLU A 528 -18.00 -0.37 -3.22
CA GLU A 528 -18.19 0.95 -3.80
C GLU A 528 -18.93 1.92 -2.88
N SER A 529 -20.06 1.48 -2.33
CA SER A 529 -20.88 2.32 -1.46
C SER A 529 -20.13 2.72 -0.19
N GLY A 530 -19.38 1.78 0.38
CA GLY A 530 -18.64 2.02 1.61
C GLY A 530 -17.26 2.62 1.40
N GLU A 531 -16.86 2.81 0.14
CA GLU A 531 -15.49 3.24 -0.23
C GLU A 531 -14.45 2.42 0.54
N LEU A 532 -14.49 1.11 0.33
CA LEU A 532 -13.71 0.18 1.14
C LEU A 532 -12.31 -0.08 0.58
N GLY A 533 -11.95 0.62 -0.49
CA GLY A 533 -10.67 0.44 -1.16
C GLY A 533 -10.67 -0.84 -1.98
N GLY A 534 -9.49 -1.42 -2.17
CA GLY A 534 -9.36 -2.68 -2.89
C GLY A 534 -9.55 -2.59 -4.38
N TYR A 535 -9.82 -1.38 -4.89
CA TYR A 535 -10.05 -1.22 -6.32
C TYR A 535 -8.77 -1.35 -7.14
N GLU A 536 -8.91 -1.91 -8.33
CA GLU A 536 -7.78 -2.00 -9.25
C GLU A 536 -7.80 -0.76 -10.13
N LEU A 537 -6.68 -0.05 -10.12
CA LEU A 537 -6.59 1.23 -10.78
C LEU A 537 -5.49 1.20 -11.83
N TYR A 538 -5.88 1.45 -13.08
CA TYR A 538 -4.94 1.67 -14.18
C TYR A 538 -5.08 3.11 -14.66
N MET A 539 -3.95 3.82 -14.73
CA MET A 539 -3.96 5.20 -15.22
C MET A 539 -2.76 5.52 -16.10
N MET A 540 -2.97 6.43 -17.05
CA MET A 540 -1.88 6.96 -17.86
C MET A 540 -1.04 7.92 -17.02
N ASP A 541 0.28 7.86 -17.19
CA ASP A 541 1.20 8.72 -16.45
C ASP A 541 1.21 10.12 -17.03
N ASP A 567 -9.34 12.62 -18.96
CA ASP A 567 -9.24 11.67 -17.85
C ASP A 567 -8.12 10.67 -18.09
N SER A 568 -7.17 10.62 -17.16
CA SER A 568 -6.01 9.74 -17.28
C SER A 568 -6.29 8.31 -16.83
N VAL A 569 -7.40 8.13 -16.11
CA VAL A 569 -7.78 6.81 -15.60
C VAL A 569 -8.33 5.91 -16.72
N LEU A 570 -7.70 4.76 -16.92
CA LEU A 570 -8.15 3.78 -17.89
C LEU A 570 -9.20 2.86 -17.26
N ILE A 571 -8.89 2.37 -16.07
CA ILE A 571 -9.75 1.45 -15.33
C ILE A 571 -9.72 1.80 -13.85
N ASN A 572 -10.90 1.89 -13.26
CA ASN A 572 -11.04 1.99 -11.81
C ASN A 572 -12.11 0.98 -11.42
N ASP A 573 -11.66 -0.16 -10.93
N ASP A 573 -11.68 -0.20 -11.02
CA ASP A 573 -12.53 -1.31 -10.77
CA ASP A 573 -12.59 -1.32 -10.79
C ASP A 573 -12.55 -1.85 -9.35
C ASP A 573 -12.55 -1.82 -9.35
N PRO A 574 -13.60 -1.50 -8.57
CA PRO A 574 -13.76 -2.08 -7.21
C PRO A 574 -13.81 -3.61 -7.27
N PRO A 575 -13.36 -4.30 -6.20
CA PRO A 575 -13.38 -5.76 -6.23
C PRO A 575 -14.78 -6.30 -6.46
N ALA A 576 -14.87 -7.33 -7.31
CA ALA A 576 -16.13 -8.00 -7.55
C ALA A 576 -15.89 -9.50 -7.68
N TRP A 577 -16.95 -10.25 -7.92
CA TRP A 577 -16.82 -11.70 -8.05
C TRP A 577 -16.74 -12.15 -9.50
N ASN A 578 -15.68 -12.88 -9.85
CA ASN A 578 -15.57 -13.58 -11.13
C ASN A 578 -15.45 -12.63 -12.33
N THR A 579 -14.58 -11.64 -12.21
CA THR A 579 -14.30 -10.72 -13.31
C THR A 579 -12.90 -10.97 -13.81
N PHE A 580 -12.68 -10.74 -15.11
CA PHE A 580 -11.34 -10.83 -15.68
C PHE A 580 -10.99 -9.55 -16.43
N ASN A 581 -9.97 -8.86 -15.93
CA ASN A 581 -9.44 -7.69 -16.59
C ASN A 581 -8.16 -8.02 -17.33
N LEU A 582 -8.05 -7.53 -18.55
CA LEU A 582 -6.85 -7.73 -19.36
C LEU A 582 -6.40 -6.39 -19.89
N VAL A 583 -5.14 -6.03 -19.64
CA VAL A 583 -4.62 -4.74 -20.09
C VAL A 583 -3.28 -4.90 -20.77
N LEU A 584 -3.15 -4.39 -22.00
CA LEU A 584 -1.85 -4.31 -22.64
C LEU A 584 -1.16 -3.03 -22.17
N ARG A 585 -0.17 -3.17 -21.31
CA ARG A 585 0.52 -2.03 -20.69
C ARG A 585 1.76 -1.60 -21.46
N ASP A 586 1.76 -0.35 -21.93
CA ASP A 586 3.02 0.23 -22.40
C ASP A 586 3.82 0.76 -21.21
N GLU A 587 4.99 1.32 -21.48
CA GLU A 587 5.96 1.71 -20.44
C GLU A 587 5.40 2.62 -19.37
N SER A 588 4.52 3.53 -19.78
CA SER A 588 4.06 4.61 -18.91
C SER A 588 2.88 4.25 -17.99
N VAL A 589 2.02 3.33 -18.43
CA VAL A 589 0.79 2.97 -17.68
C VAL A 589 1.09 2.61 -16.23
N LEU A 590 0.41 3.28 -15.31
CA LEU A 590 0.57 3.01 -13.87
C LEU A 590 -0.57 2.14 -13.37
N GLU A 591 -0.28 1.28 -12.39
CA GLU A 591 -1.28 0.39 -11.80
C GLU A 591 -1.06 0.28 -10.30
N PHE A 592 -2.17 0.17 -9.55
CA PHE A 592 -2.11 -0.25 -8.16
C PHE A 592 -3.45 -0.84 -7.71
N VAL A 593 -3.41 -1.53 -6.56
CA VAL A 593 -4.62 -1.97 -5.88
C VAL A 593 -4.69 -1.16 -4.60
N LYS A 594 -5.78 -0.41 -4.43
CA LYS A 594 -5.90 0.46 -3.25
C LYS A 594 -6.01 -0.32 -1.95
N TYR A 595 -5.32 0.21 -0.93
CA TYR A 595 -5.47 -0.23 0.46
C TYR A 595 -6.90 -0.66 0.80
N VAL A 596 -7.02 -1.85 1.39
CA VAL A 596 -8.31 -2.42 1.78
C VAL A 596 -8.67 -2.00 3.21
N SER A 597 -9.79 -1.31 3.34
CA SER A 597 -10.29 -0.85 4.66
C SER A 597 -10.57 -2.00 5.65
N TRP A 598 -10.35 -1.73 6.93
CA TRP A 598 -10.77 -2.63 8.01
C TRP A 598 -12.25 -2.95 7.93
N SER A 599 -13.03 -2.06 7.31
CA SER A 599 -14.47 -2.23 7.20
C SER A 599 -14.91 -3.22 6.12
N ALA A 600 -13.98 -3.64 5.26
CA ALA A 600 -14.28 -4.67 4.26
C ALA A 600 -14.67 -5.98 4.94
N LYS A 601 -15.64 -6.68 4.37
CA LYS A 601 -16.20 -7.89 4.96
C LYS A 601 -15.49 -9.17 4.47
N SER A 602 -14.56 -9.00 3.53
CA SER A 602 -13.63 -10.05 3.14
C SER A 602 -12.34 -9.42 2.61
N SER A 603 -11.31 -10.23 2.45
CA SER A 603 -10.14 -9.82 1.68
C SER A 603 -10.54 -9.63 0.22
N ARG A 604 -9.75 -8.84 -0.51
CA ARG A 604 -9.74 -8.91 -1.97
C ARG A 604 -8.91 -10.14 -2.34
N TRP A 605 -9.52 -11.07 -3.07
CA TRP A 605 -8.79 -12.23 -3.59
C TRP A 605 -8.70 -12.09 -5.10
N ASP A 606 -7.53 -12.33 -5.67
CA ASP A 606 -7.41 -12.38 -7.13
C ASP A 606 -6.29 -13.30 -7.62
N VAL A 607 -6.25 -13.49 -8.94
CA VAL A 607 -5.14 -14.15 -9.60
C VAL A 607 -4.54 -13.15 -10.57
N LYS A 608 -3.25 -12.87 -10.41
CA LYS A 608 -2.55 -11.89 -11.22
C LYS A 608 -1.65 -12.61 -12.21
N MET A 609 -1.74 -12.21 -13.48
CA MET A 609 -1.01 -12.85 -14.57
C MET A 609 -0.31 -11.81 -15.43
N LYS A 610 0.94 -12.07 -15.81
CA LYS A 610 1.70 -11.16 -16.65
C LYS A 610 2.46 -11.94 -17.71
N TRP A 611 2.42 -11.44 -18.95
CA TRP A 611 3.09 -12.08 -20.08
C TRP A 611 3.84 -11.06 -20.93
N ASP A 612 5.07 -11.39 -21.34
CA ASP A 612 5.68 -10.70 -22.48
C ASP A 612 5.03 -11.29 -23.73
N VAL A 613 4.90 -10.47 -24.76
CA VAL A 613 4.17 -10.86 -25.97
C VAL A 613 4.86 -10.41 -27.24
N LYS A 614 4.71 -11.18 -28.31
CA LYS A 614 5.15 -10.72 -29.61
C LYS A 614 3.98 -10.61 -30.58
N SER A 615 4.15 -9.74 -31.58
CA SER A 615 3.25 -9.70 -32.73
C SER A 615 3.56 -10.94 -33.54
N CYS A 616 2.52 -11.67 -33.90
CA CYS A 616 2.66 -13.05 -34.29
C CYS A 616 2.00 -13.35 -35.64
FE FE B . 4.72 11.34 8.27
C1 AKG C . 2.32 12.87 7.95
O1 AKG C . 1.41 13.64 7.56
O2 AKG C . 3.43 12.80 7.37
C2 AKG C . 2.10 11.99 9.11
O5 AKG C . 2.95 11.14 9.34
C3 AKG C . 0.87 12.12 9.99
C4 AKG C . 1.13 11.51 11.39
C5 AKG C . -0.09 11.62 12.28
O3 AKG C . -1.07 12.33 11.93
O4 AKG C . -0.08 11.00 13.36
S SO4 D . -22.20 -2.09 -3.15
O1 SO4 D . -23.10 -1.91 -4.29
O2 SO4 D . -22.85 -1.62 -1.93
O3 SO4 D . -21.87 -3.50 -3.00
O4 SO4 D . -20.99 -1.31 -3.37
S SO4 E . -18.87 2.98 13.96
O1 SO4 E . -20.30 2.94 13.67
O2 SO4 E . -18.59 4.12 14.84
O3 SO4 E . -18.48 1.74 14.62
O4 SO4 E . -18.13 3.12 12.70
S SO4 F . -15.53 8.51 26.96
O1 SO4 F . -15.80 8.09 25.60
O2 SO4 F . -16.54 9.49 27.38
O3 SO4 F . -15.59 7.35 27.84
O4 SO4 F . -14.21 9.12 27.06
S SO4 G . -8.39 1.67 25.40
O1 SO4 G . -9.73 1.19 25.06
O2 SO4 G . -8.35 2.05 26.81
O3 SO4 G . -7.39 0.62 25.16
O4 SO4 G . -8.06 2.83 24.58
C1 GOL H . 12.97 -20.40 7.02
O1 GOL H . 11.94 -21.10 6.36
C2 GOL H . 13.11 -18.96 6.53
O2 GOL H . 12.41 -18.09 7.39
C3 GOL H . 12.57 -18.83 5.11
O3 GOL H . 12.77 -17.53 4.62
#